data_4D3F
#
_entry.id   4D3F
#
_cell.length_a   55.230
_cell.length_b   62.780
_cell.length_c   214.500
_cell.angle_alpha   90.00
_cell.angle_beta   90.00
_cell.angle_gamma   90.00
#
_symmetry.space_group_name_H-M   'P 21 21 21'
#
loop_
_entity.id
_entity.type
_entity.pdbx_description
1 polymer 'IMINE REDUCTASE'
2 non-polymer 'NADP NICOTINAMIDE-ADENINE-DINUCLEOTIDE PHOSPHATE'
3 water water
#
_entity_poly.entity_id   1
_entity_poly.type   'polypeptide(L)'
_entity_poly.pdbx_seq_one_letter_code
;MKSNSQNEKNGSETTNAVGNRKSVTVIGLGPMGQAMADVFLEYGYSVTVWNRTSSKADQLVAKGAIRVSTVNEALAANEL
VILSLTDYNVMYSILEPVSENLFGKVLVNLSSDTPEKARKAAKWLEDRGARHITGGVQVPPSGIGKSESYTYYSGDRVVF
EAHRETLEVLTSSDYRGEDPGLAMLYYQIQMDIFWTAMLSYLHALAIANANGITAEQFLPYASAMMSSLPKFVEFYTPRL
DEGEHPGDVDRLAMGLASVEHVVHTTQEAGIDIALPATVLEVFRRGMKTGHASDSFTSLIEIFKNSDIRS
;
_entity_poly.pdbx_strand_id   A,B
#
# COMPACT_ATOMS: atom_id res chain seq x y z
N LYS A 22 -40.36 13.88 10.49
CA LYS A 22 -39.25 12.97 10.91
C LYS A 22 -39.86 11.54 11.03
N SER A 23 -39.86 10.85 9.89
CA SER A 23 -40.45 9.52 9.76
C SER A 23 -39.63 8.72 8.73
N VAL A 24 -39.24 7.49 9.03
CA VAL A 24 -38.40 6.69 8.17
C VAL A 24 -38.65 5.19 8.35
N THR A 25 -38.51 4.40 7.28
CA THR A 25 -38.64 2.94 7.39
C THR A 25 -37.27 2.33 7.25
N VAL A 26 -36.96 1.35 8.08
CA VAL A 26 -35.73 0.55 8.00
C VAL A 26 -36.09 -0.91 7.81
N ILE A 27 -35.63 -1.47 6.70
CA ILE A 27 -35.86 -2.83 6.35
C ILE A 27 -34.50 -3.52 6.48
N GLY A 28 -34.42 -4.53 7.34
CA GLY A 28 -33.16 -5.25 7.54
C GLY A 28 -32.57 -4.83 8.87
N LEU A 29 -32.62 -5.76 9.82
CA LEU A 29 -32.23 -5.45 11.19
C LEU A 29 -31.09 -6.32 11.66
N GLY A 30 -30.05 -6.44 10.83
CA GLY A 30 -28.72 -6.79 11.33
C GLY A 30 -28.15 -5.68 12.20
N PRO A 31 -26.87 -5.82 12.58
CA PRO A 31 -26.25 -4.80 13.46
C PRO A 31 -26.30 -3.37 12.94
N MET A 32 -26.08 -3.22 11.62
CA MET A 32 -26.11 -1.90 11.01
C MET A 32 -27.53 -1.32 11.08
N GLY A 33 -28.53 -2.10 10.66
CA GLY A 33 -29.90 -1.65 10.67
C GLY A 33 -30.32 -1.28 12.08
N GLN A 34 -29.97 -2.13 13.04
CA GLN A 34 -30.26 -1.87 14.45
C GLN A 34 -29.67 -0.54 14.93
N ALA A 35 -28.40 -0.29 14.62
CA ALA A 35 -27.72 0.97 14.99
C ALA A 35 -28.38 2.19 14.40
N MET A 36 -28.80 2.06 13.14
CA MET A 36 -29.40 3.18 12.44
C MET A 36 -30.72 3.47 13.02
N ALA A 37 -31.53 2.40 13.16
CA ALA A 37 -32.88 2.56 13.71
C ALA A 37 -32.79 3.20 15.11
N ASP A 38 -31.80 2.82 15.88
CA ASP A 38 -31.57 3.40 17.25
C ASP A 38 -31.30 4.90 17.26
N VAL A 39 -30.36 5.30 16.41
CA VAL A 39 -29.99 6.71 16.26
C VAL A 39 -31.20 7.53 15.77
N PHE A 40 -31.99 6.99 14.82
CA PHE A 40 -33.19 7.70 14.37
C PHE A 40 -34.19 7.89 15.56
N LEU A 41 -34.36 6.84 16.37
CA LEU A 41 -35.29 6.88 17.53
C LEU A 41 -34.76 7.95 18.54
N GLU A 42 -33.45 7.96 18.76
CA GLU A 42 -32.75 8.98 19.63
C GLU A 42 -33.02 10.41 19.21
N TYR A 43 -33.07 10.69 17.92
CA TYR A 43 -33.26 12.03 17.39
C TYR A 43 -34.73 12.30 17.06
N GLY A 44 -35.62 11.46 17.51
CA GLY A 44 -37.01 11.83 17.49
C GLY A 44 -37.80 11.39 16.28
N TYR A 45 -37.23 10.52 15.47
CA TYR A 45 -37.95 10.05 14.29
C TYR A 45 -38.96 9.00 14.65
N SER A 46 -40.04 8.97 13.91
CA SER A 46 -40.95 7.83 13.94
C SER A 46 -40.31 6.76 13.01
N VAL A 47 -40.00 5.57 13.53
CA VAL A 47 -39.27 4.56 12.76
C VAL A 47 -40.13 3.29 12.64
N THR A 48 -40.42 2.90 11.41
CA THR A 48 -41.15 1.67 11.10
C THR A 48 -40.10 0.64 10.64
N VAL A 49 -40.18 -0.59 11.17
CA VAL A 49 -39.20 -1.63 10.85
C VAL A 49 -39.82 -2.94 10.39
N TRP A 50 -39.12 -3.66 9.51
CA TRP A 50 -39.50 -5.01 9.16
C TRP A 50 -38.22 -5.81 9.04
N ASN A 51 -38.28 -7.09 9.39
CA ASN A 51 -37.18 -8.08 9.16
C ASN A 51 -37.82 -9.49 8.90
N ARG A 52 -37.25 -10.37 8.08
CA ARG A 52 -37.82 -11.70 7.84
CA ARG A 52 -37.86 -11.68 7.87
C ARG A 52 -38.01 -12.46 9.18
N THR A 53 -37.11 -12.21 10.09
CA THR A 53 -37.14 -12.81 11.45
C THR A 53 -37.63 -11.75 12.46
N SER A 54 -38.90 -11.81 12.77
CA SER A 54 -39.53 -10.62 13.35
C SER A 54 -39.03 -10.34 14.76
N SER A 55 -38.45 -11.34 15.44
CA SER A 55 -37.90 -11.15 16.82
C SER A 55 -36.68 -10.27 16.87
N LYS A 56 -35.98 -10.13 15.76
CA LYS A 56 -34.79 -9.25 15.78
C LYS A 56 -35.13 -7.79 16.13
N ALA A 57 -36.40 -7.39 15.97
CA ALA A 57 -36.84 -6.02 16.28
C ALA A 57 -37.25 -5.80 17.76
N ASP A 58 -37.16 -6.82 18.61
CA ASP A 58 -37.73 -6.69 20.00
C ASP A 58 -37.18 -5.47 20.75
N GLN A 59 -35.87 -5.34 20.77
CA GLN A 59 -35.23 -4.26 21.53
C GLN A 59 -35.65 -2.91 21.00
N LEU A 60 -35.76 -2.80 19.65
CA LEU A 60 -36.19 -1.51 19.08
C LEU A 60 -37.64 -1.18 19.40
N VAL A 61 -38.48 -2.22 19.37
CA VAL A 61 -39.90 -2.01 19.67
C VAL A 61 -40.02 -1.49 21.13
N ALA A 62 -39.22 -2.06 22.01
CA ALA A 62 -39.19 -1.59 23.41
C ALA A 62 -38.78 -0.13 23.49
N LYS A 63 -37.95 0.33 22.56
CA LYS A 63 -37.52 1.73 22.51
C LYS A 63 -38.47 2.62 21.69
N GLY A 64 -39.58 2.09 21.16
CA GLY A 64 -40.54 2.94 20.44
C GLY A 64 -40.66 2.73 18.90
N ALA A 65 -39.86 1.85 18.33
CA ALA A 65 -39.98 1.55 16.86
C ALA A 65 -41.32 0.83 16.63
N ILE A 66 -41.87 1.04 15.46
CA ILE A 66 -43.11 0.39 15.10
C ILE A 66 -42.79 -0.82 14.23
N ARG A 67 -43.00 -2.03 14.72
CA ARG A 67 -42.72 -3.24 13.88
C ARG A 67 -43.98 -3.58 13.10
N VAL A 68 -43.80 -3.85 11.83
CA VAL A 68 -44.93 -4.22 11.03
C VAL A 68 -44.72 -5.65 10.58
N SER A 69 -45.81 -6.32 10.24
CA SER A 69 -45.69 -7.74 9.92
C SER A 69 -45.13 -8.01 8.50
N THR A 70 -45.49 -7.15 7.53
CA THR A 70 -45.19 -7.43 6.15
C THR A 70 -44.37 -6.34 5.47
N VAL A 71 -43.72 -6.74 4.40
CA VAL A 71 -42.94 -5.81 3.59
C VAL A 71 -43.87 -4.72 3.04
N ASN A 72 -45.07 -5.12 2.63
CA ASN A 72 -46.07 -4.18 2.15
C ASN A 72 -46.32 -3.06 3.11
N GLU A 73 -46.58 -3.42 4.38
CA GLU A 73 -46.79 -2.40 5.41
C GLU A 73 -45.58 -1.54 5.68
N ALA A 74 -44.39 -2.11 5.53
CA ALA A 74 -43.20 -1.31 5.73
C ALA A 74 -43.05 -0.25 4.62
N LEU A 75 -43.27 -0.66 3.37
CA LEU A 75 -43.17 0.23 2.23
C LEU A 75 -44.22 1.31 2.35
N ALA A 76 -45.44 0.94 2.75
CA ALA A 76 -46.52 1.94 2.87
C ALA A 76 -46.29 3.01 3.90
N ALA A 77 -45.54 2.70 4.93
CA ALA A 77 -45.44 3.61 6.06
C ALA A 77 -44.74 4.97 5.70
N ASN A 78 -43.77 4.94 4.78
CA ASN A 78 -42.94 6.06 4.56
C ASN A 78 -42.48 6.17 3.13
N GLU A 79 -42.15 7.39 2.70
CA GLU A 79 -41.48 7.61 1.39
C GLU A 79 -40.06 7.08 1.39
N LEU A 80 -39.33 7.40 2.47
CA LEU A 80 -37.89 6.98 2.58
C LEU A 80 -37.70 5.63 3.28
N VAL A 81 -37.09 4.67 2.57
CA VAL A 81 -36.95 3.33 3.02
C VAL A 81 -35.45 2.99 3.03
N ILE A 82 -34.88 2.79 4.19
CA ILE A 82 -33.45 2.35 4.27
C ILE A 82 -33.35 0.85 4.18
N LEU A 83 -32.54 0.34 3.25
CA LEU A 83 -32.38 -1.09 3.02
C LEU A 83 -31.01 -1.47 3.54
N SER A 84 -30.96 -2.02 4.73
CA SER A 84 -29.68 -2.48 5.34
C SER A 84 -29.79 -3.99 5.34
N LEU A 85 -29.62 -4.52 4.17
CA LEU A 85 -29.74 -5.93 3.94
C LEU A 85 -28.36 -6.53 3.74
N THR A 86 -28.33 -7.82 3.74
CA THR A 86 -27.08 -8.52 3.61
C THR A 86 -26.43 -8.36 2.26
N ASP A 87 -27.21 -8.49 1.20
CA ASP A 87 -26.75 -8.19 -0.14
C ASP A 87 -27.92 -7.78 -1.03
N TYR A 88 -27.61 -7.41 -2.28
CA TYR A 88 -28.67 -6.95 -3.24
C TYR A 88 -29.63 -8.08 -3.63
N ASN A 89 -29.18 -9.37 -3.59
CA ASN A 89 -30.17 -10.42 -3.88
C ASN A 89 -31.33 -10.49 -2.92
N VAL A 90 -31.09 -10.10 -1.69
CA VAL A 90 -32.17 -10.06 -0.69
C VAL A 90 -33.17 -9.00 -1.16
N MET A 91 -32.69 -7.86 -1.63
CA MET A 91 -33.63 -6.80 -2.11
C MET A 91 -34.59 -7.34 -3.15
N TYR A 92 -34.10 -8.02 -4.19
CA TYR A 92 -34.98 -8.58 -5.19
C TYR A 92 -35.94 -9.61 -4.63
N SER A 93 -35.42 -10.44 -3.73
CA SER A 93 -36.23 -11.46 -3.15
C SER A 93 -37.46 -10.87 -2.47
N ILE A 94 -37.26 -9.83 -1.66
CA ILE A 94 -38.36 -9.29 -0.90
C ILE A 94 -39.19 -8.29 -1.66
N LEU A 95 -38.62 -7.60 -2.64
CA LEU A 95 -39.40 -6.57 -3.40
C LEU A 95 -40.04 -7.06 -4.68
N GLU A 96 -39.46 -8.08 -5.34
CA GLU A 96 -39.98 -8.49 -6.61
C GLU A 96 -41.46 -8.90 -6.50
N PRO A 97 -41.81 -9.62 -5.45
CA PRO A 97 -43.21 -10.07 -5.37
C PRO A 97 -44.20 -8.95 -5.07
N VAL A 98 -43.69 -7.81 -4.63
CA VAL A 98 -44.51 -6.64 -4.33
C VAL A 98 -44.11 -5.40 -5.24
N SER A 99 -43.75 -5.72 -6.48
CA SER A 99 -43.22 -4.78 -7.47
C SER A 99 -44.24 -3.64 -7.72
N GLU A 100 -45.54 -3.98 -7.60
CA GLU A 100 -46.63 -3.00 -7.84
C GLU A 100 -46.77 -1.90 -6.76
N ASN A 101 -46.05 -2.01 -5.65
CA ASN A 101 -46.19 -1.15 -4.54
C ASN A 101 -45.00 -0.21 -4.32
N LEU A 102 -44.19 -0.05 -5.36
CA LEU A 102 -42.93 0.74 -5.21
C LEU A 102 -42.98 2.18 -5.72
N PHE A 103 -44.08 2.58 -6.35
CA PHE A 103 -44.17 3.94 -6.88
C PHE A 103 -44.04 4.98 -5.81
N GLY A 104 -43.13 5.93 -6.05
CA GLY A 104 -42.95 7.06 -5.18
C GLY A 104 -42.05 6.78 -3.98
N LYS A 105 -41.50 5.58 -3.91
CA LYS A 105 -40.66 5.30 -2.74
C LYS A 105 -39.20 5.63 -3.11
N VAL A 106 -38.45 6.00 -2.07
CA VAL A 106 -37.00 6.27 -2.25
C VAL A 106 -36.25 5.22 -1.42
N LEU A 107 -35.63 4.29 -2.10
CA LEU A 107 -34.92 3.19 -1.46
C LEU A 107 -33.45 3.53 -1.33
N VAL A 108 -32.93 3.55 -0.10
CA VAL A 108 -31.47 3.81 0.11
C VAL A 108 -30.82 2.47 0.36
N ASN A 109 -30.08 1.99 -0.62
CA ASN A 109 -29.43 0.70 -0.49
C ASN A 109 -28.04 0.76 0.06
N LEU A 110 -27.83 0.08 1.16
CA LEU A 110 -26.51 0.05 1.82
C LEU A 110 -25.77 -1.27 1.63
N SER A 111 -26.29 -2.24 0.89
CA SER A 111 -25.53 -3.49 0.81
C SER A 111 -24.09 -3.14 0.25
N SER A 112 -23.02 -3.81 0.72
CA SER A 112 -21.68 -3.76 0.06
C SER A 112 -21.62 -4.73 -1.13
N ASP A 113 -21.44 -4.15 -2.30
CA ASP A 113 -21.45 -4.85 -3.49
C ASP A 113 -20.75 -3.99 -4.51
N THR A 114 -20.81 -4.47 -5.73
CA THR A 114 -20.07 -3.98 -6.82
C THR A 114 -20.86 -2.80 -7.45
N PRO A 115 -20.18 -1.94 -8.22
CA PRO A 115 -20.85 -0.88 -8.93
C PRO A 115 -21.96 -1.42 -9.84
N GLU A 116 -21.68 -2.45 -10.60
CA GLU A 116 -22.73 -2.93 -11.55
C GLU A 116 -23.98 -3.46 -10.80
N LYS A 117 -23.79 -4.06 -9.63
CA LYS A 117 -24.95 -4.56 -8.87
C LYS A 117 -25.81 -3.38 -8.51
N ALA A 118 -25.18 -2.30 -8.04
CA ALA A 118 -25.95 -1.17 -7.64
C ALA A 118 -26.65 -0.53 -8.85
N ARG A 119 -25.99 -0.51 -10.01
CA ARG A 119 -26.60 0.07 -11.21
C ARG A 119 -27.81 -0.76 -11.65
N LYS A 120 -27.67 -2.09 -11.64
CA LYS A 120 -28.75 -2.98 -12.07
C LYS A 120 -29.95 -2.75 -11.12
N ALA A 121 -29.70 -2.61 -9.84
CA ALA A 121 -30.78 -2.37 -8.88
C ALA A 121 -31.51 -1.07 -9.05
N ALA A 122 -30.77 0.01 -9.31
CA ALA A 122 -31.38 1.30 -9.58
C ALA A 122 -32.32 1.27 -10.77
N LYS A 123 -31.90 0.62 -11.84
CA LYS A 123 -32.69 0.53 -13.06
C LYS A 123 -33.96 -0.31 -12.84
N TRP A 124 -33.80 -1.39 -12.10
CA TRP A 124 -34.94 -2.27 -11.78
C TRP A 124 -35.96 -1.51 -10.95
N LEU A 125 -35.51 -0.77 -9.96
CA LEU A 125 -36.37 0.05 -9.17
C LEU A 125 -37.06 1.17 -9.95
N GLU A 126 -36.30 1.86 -10.78
CA GLU A 126 -36.89 2.91 -11.65
C GLU A 126 -37.98 2.38 -12.55
N ASP A 127 -37.81 1.20 -13.10
CA ASP A 127 -38.82 0.59 -13.91
C ASP A 127 -40.16 0.35 -13.18
N ARG A 128 -40.12 0.41 -11.86
CA ARG A 128 -41.31 0.15 -11.04
C ARG A 128 -41.74 1.41 -10.35
N GLY A 129 -41.13 2.52 -10.73
CA GLY A 129 -41.54 3.82 -10.30
C GLY A 129 -40.93 4.35 -9.04
N ALA A 130 -39.88 3.66 -8.60
CA ALA A 130 -39.21 4.08 -7.35
C ALA A 130 -37.95 4.82 -7.77
N ARG A 131 -37.28 5.43 -6.79
CA ARG A 131 -35.94 6.10 -6.94
C ARG A 131 -34.96 5.40 -5.97
N HIS A 132 -33.66 5.38 -6.28
CA HIS A 132 -32.65 4.65 -5.58
C HIS A 132 -31.53 5.61 -5.20
N ILE A 133 -31.07 5.53 -3.96
CA ILE A 133 -29.82 6.16 -3.54
C ILE A 133 -28.92 5.02 -3.09
N THR A 134 -27.72 4.93 -3.66
CA THR A 134 -26.70 4.04 -3.22
C THR A 134 -25.83 4.61 -2.10
N GLY A 135 -25.64 3.83 -1.06
CA GLY A 135 -24.79 4.30 0.06
C GLY A 135 -23.70 3.30 0.38
N GLY A 136 -22.48 3.80 0.56
CA GLY A 136 -21.33 2.97 0.95
C GLY A 136 -20.85 3.45 2.30
N VAL A 137 -21.27 2.74 3.36
CA VAL A 137 -21.06 3.24 4.71
C VAL A 137 -19.58 2.91 5.06
N GLN A 138 -18.81 3.88 5.53
CA GLN A 138 -17.35 3.67 5.75
C GLN A 138 -17.01 3.28 7.22
N VAL A 139 -18.01 3.04 8.07
CA VAL A 139 -17.82 2.76 9.48
C VAL A 139 -18.64 1.56 9.94
N PRO A 140 -18.22 0.95 11.06
CA PRO A 140 -19.04 -0.12 11.63
C PRO A 140 -20.25 0.49 12.38
N PRO A 141 -21.17 -0.36 12.88
CA PRO A 141 -22.35 0.13 13.59
C PRO A 141 -22.05 1.15 14.62
N SER A 142 -20.96 1.01 15.35
CA SER A 142 -20.63 1.97 16.41
C SER A 142 -20.32 3.36 15.90
N GLY A 143 -19.98 3.51 14.62
CA GLY A 143 -19.78 4.87 14.09
C GLY A 143 -21.07 5.60 13.75
N ILE A 144 -22.21 4.91 13.74
CA ILE A 144 -23.45 5.54 13.31
C ILE A 144 -23.84 6.53 14.37
N GLY A 145 -24.24 7.71 13.95
CA GLY A 145 -24.64 8.80 14.84
C GLY A 145 -23.48 9.74 15.18
N LYS A 146 -22.31 9.54 14.57
CA LYS A 146 -21.14 10.40 14.81
C LYS A 146 -20.79 11.19 13.56
N SER A 147 -20.66 12.49 13.69
CA SER A 147 -20.43 13.32 12.50
C SER A 147 -19.05 13.13 11.84
N GLU A 148 -18.10 12.48 12.53
CA GLU A 148 -16.78 12.21 11.97
C GLU A 148 -16.86 10.99 11.05
N SER A 149 -17.94 10.21 11.16
CA SER A 149 -18.17 9.10 10.23
C SER A 149 -18.72 9.63 8.89
N TYR A 150 -18.31 9.00 7.79
CA TYR A 150 -18.72 9.35 6.41
C TYR A 150 -19.32 8.16 5.69
N THR A 151 -20.31 8.45 4.85
CA THR A 151 -20.91 7.49 3.95
C THR A 151 -20.86 8.06 2.53
N TYR A 152 -20.40 7.28 1.56
CA TYR A 152 -20.49 7.64 0.16
C TYR A 152 -21.93 7.51 -0.30
N TYR A 153 -22.44 8.47 -1.02
CA TYR A 153 -23.73 8.38 -1.66
C TYR A 153 -23.67 8.69 -3.15
N SER A 154 -24.51 7.98 -3.92
CA SER A 154 -24.62 8.29 -5.34
C SER A 154 -26.01 7.98 -5.86
N GLY A 155 -26.29 8.54 -7.02
CA GLY A 155 -27.65 8.48 -7.57
C GLY A 155 -28.13 9.88 -7.93
N ASP A 156 -29.37 10.00 -8.37
CA ASP A 156 -29.93 11.29 -8.76
C ASP A 156 -29.70 12.32 -7.69
N ARG A 157 -29.07 13.40 -8.07
CA ARG A 157 -28.75 14.44 -7.15
C ARG A 157 -29.96 15.11 -6.49
N VAL A 158 -31.04 15.27 -7.24
CA VAL A 158 -32.27 15.91 -6.64
C VAL A 158 -32.92 14.99 -5.61
N VAL A 159 -32.91 13.69 -5.87
CA VAL A 159 -33.40 12.73 -4.88
C VAL A 159 -32.54 12.74 -3.64
N PHE A 160 -31.22 12.76 -3.84
CA PHE A 160 -30.32 12.78 -2.71
C PHE A 160 -30.47 14.05 -1.88
N GLU A 161 -30.56 15.21 -2.53
CA GLU A 161 -30.71 16.46 -1.78
C GLU A 161 -32.01 16.48 -0.96
N ALA A 162 -33.05 15.89 -1.48
CA ALA A 162 -34.36 15.81 -0.78
C ALA A 162 -34.29 14.99 0.51
N HIS A 163 -33.32 14.07 0.66
CA HIS A 163 -33.28 13.24 1.82
C HIS A 163 -32.00 13.37 2.59
N ARG A 164 -31.13 14.29 2.19
CA ARG A 164 -29.86 14.46 2.79
C ARG A 164 -29.95 14.70 4.29
N GLU A 165 -30.90 15.53 4.72
CA GLU A 165 -31.02 15.87 6.12
C GLU A 165 -31.27 14.62 6.98
N THR A 166 -32.13 13.71 6.51
CA THR A 166 -32.39 12.50 7.25
C THR A 166 -31.18 11.61 7.24
N LEU A 167 -30.54 11.46 6.09
CA LEU A 167 -29.36 10.58 6.00
C LEU A 167 -28.24 11.10 6.91
N GLU A 168 -28.12 12.42 7.02
CA GLU A 168 -27.03 13.00 7.84
C GLU A 168 -27.28 12.92 9.32
N VAL A 169 -28.44 12.41 9.77
CA VAL A 169 -28.60 11.98 11.15
C VAL A 169 -27.72 10.78 11.48
N LEU A 170 -27.47 9.98 10.47
CA LEU A 170 -26.66 8.80 10.66
C LEU A 170 -25.16 9.02 10.58
N THR A 171 -24.71 9.78 9.60
CA THR A 171 -23.26 10.07 9.38
C THR A 171 -23.14 11.33 8.58
N SER A 172 -21.92 11.88 8.46
CA SER A 172 -21.68 12.84 7.38
C SER A 172 -21.81 12.19 6.01
N SER A 173 -22.12 13.00 5.00
CA SER A 173 -22.32 12.46 3.70
C SER A 173 -21.21 12.88 2.74
N ASP A 174 -20.94 12.04 1.76
CA ASP A 174 -20.04 12.40 0.67
C ASP A 174 -20.68 11.98 -0.65
N TYR A 175 -21.39 12.93 -1.26
CA TYR A 175 -22.10 12.66 -2.48
C TYR A 175 -21.10 12.61 -3.63
N ARG A 176 -21.06 11.50 -4.39
CA ARG A 176 -20.00 11.25 -5.41
C ARG A 176 -20.47 11.49 -6.86
N GLY A 177 -21.77 11.62 -7.11
CA GLY A 177 -22.27 11.80 -8.43
C GLY A 177 -23.53 11.04 -8.76
N GLU A 178 -23.93 11.17 -10.03
CA GLU A 178 -25.26 10.65 -10.51
C GLU A 178 -25.34 9.14 -10.69
N ASP A 179 -24.27 8.53 -11.15
CA ASP A 179 -24.20 7.10 -11.38
C ASP A 179 -24.38 6.38 -10.07
N PRO A 180 -25.40 5.54 -10.02
CA PRO A 180 -25.66 4.76 -8.78
C PRO A 180 -24.45 3.84 -8.37
N GLY A 181 -23.63 3.44 -9.33
CA GLY A 181 -22.49 2.64 -9.05
C GLY A 181 -21.36 3.34 -8.31
N LEU A 182 -21.36 4.67 -8.28
CA LEU A 182 -20.16 5.39 -7.76
C LEU A 182 -19.92 5.25 -6.28
N ALA A 183 -20.99 5.17 -5.47
CA ALA A 183 -20.81 4.99 -4.05
C ALA A 183 -20.06 3.68 -3.74
N MET A 184 -20.34 2.65 -4.49
CA MET A 184 -19.70 1.38 -4.31
C MET A 184 -18.30 1.47 -4.99
N LEU A 185 -18.19 2.18 -6.10
CA LEU A 185 -16.84 2.32 -6.77
C LEU A 185 -15.77 2.86 -5.80
N TYR A 186 -16.08 3.99 -5.18
CA TYR A 186 -15.08 4.67 -4.35
C TYR A 186 -14.76 3.80 -3.12
N TYR A 187 -15.80 3.14 -2.58
CA TYR A 187 -15.56 2.18 -1.50
C TYR A 187 -14.68 1.02 -1.89
N GLN A 188 -14.97 0.33 -3.01
CA GLN A 188 -14.22 -0.85 -3.32
C GLN A 188 -12.74 -0.52 -3.73
N ILE A 189 -12.53 0.54 -4.46
CA ILE A 189 -11.16 0.84 -4.91
C ILE A 189 -10.29 1.23 -3.69
N GLN A 190 -10.85 1.89 -2.68
CA GLN A 190 -10.13 2.09 -1.45
C GLN A 190 -9.80 0.79 -0.74
N MET A 191 -10.72 -0.20 -0.75
CA MET A 191 -10.42 -1.46 -0.12
C MET A 191 -9.39 -2.28 -0.89
N ASP A 192 -9.34 -2.13 -2.22
CA ASP A 192 -8.29 -2.71 -3.03
C ASP A 192 -6.90 -2.28 -2.49
N ILE A 193 -6.76 -1.02 -2.23
CA ILE A 193 -5.47 -0.50 -1.67
C ILE A 193 -5.30 -0.99 -0.25
N PHE A 194 -6.36 -0.86 0.58
CA PHE A 194 -6.19 -1.27 1.99
C PHE A 194 -5.69 -2.68 2.13
N TRP A 195 -6.37 -3.65 1.48
CA TRP A 195 -6.02 -5.02 1.73
C TRP A 195 -4.67 -5.40 1.14
N THR A 196 -4.38 -4.86 -0.04
CA THR A 196 -3.17 -5.27 -0.73
C THR A 196 -1.99 -4.65 0.05
N ALA A 197 -2.09 -3.40 0.43
CA ALA A 197 -1.00 -2.69 1.12
C ALA A 197 -0.81 -3.25 2.53
N MET A 198 -1.91 -3.57 3.25
CA MET A 198 -1.75 -4.21 4.57
C MET A 198 -1.18 -5.57 4.53
N LEU A 199 -1.52 -6.38 3.53
CA LEU A 199 -0.84 -7.62 3.36
C LEU A 199 0.64 -7.46 3.04
N SER A 200 0.99 -6.46 2.22
CA SER A 200 2.42 -6.19 1.97
C SER A 200 3.17 -5.88 3.26
N TYR A 201 2.52 -5.17 4.15
CA TYR A 201 3.06 -4.88 5.48
C TYR A 201 3.29 -6.18 6.27
N LEU A 202 2.31 -7.07 6.26
CA LEU A 202 2.49 -8.36 6.97
C LEU A 202 3.59 -9.19 6.33
N HIS A 203 3.64 -9.22 4.99
CA HIS A 203 4.67 -9.91 4.26
C HIS A 203 6.10 -9.38 4.63
N ALA A 204 6.23 -8.08 4.59
CA ALA A 204 7.49 -7.38 4.96
C ALA A 204 7.89 -7.69 6.42
N LEU A 205 6.88 -7.71 7.28
CA LEU A 205 7.14 -8.05 8.70
C LEU A 205 7.58 -9.46 8.88
N ALA A 206 7.04 -10.39 8.10
CA ALA A 206 7.50 -11.74 8.14
C ALA A 206 8.99 -11.89 7.76
N ILE A 207 9.41 -11.17 6.72
CA ILE A 207 10.85 -11.12 6.37
C ILE A 207 11.65 -10.52 7.56
N ALA A 208 11.16 -9.43 8.10
CA ALA A 208 11.82 -8.80 9.20
C ALA A 208 11.99 -9.76 10.40
N ASN A 209 10.91 -10.40 10.80
CA ASN A 209 10.98 -11.42 11.84
C ASN A 209 11.98 -12.52 11.54
N ALA A 210 12.05 -13.03 10.30
CA ALA A 210 12.95 -14.08 9.93
C ALA A 210 14.41 -13.61 10.11
N ASN A 211 14.64 -12.32 10.06
CA ASN A 211 15.98 -11.78 10.21
C ASN A 211 16.18 -11.17 11.56
N GLY A 212 15.30 -11.47 12.51
CA GLY A 212 15.49 -11.06 13.89
C GLY A 212 14.96 -9.74 14.36
N ILE A 213 14.10 -9.09 13.57
CA ILE A 213 13.64 -7.80 13.86
C ILE A 213 12.16 -7.89 14.23
N THR A 214 11.71 -7.10 15.18
CA THR A 214 10.36 -7.17 15.68
C THR A 214 9.45 -6.16 15.01
N ALA A 215 8.15 -6.27 15.21
CA ALA A 215 7.21 -5.26 14.73
C ALA A 215 7.44 -3.89 15.37
N GLU A 216 7.81 -3.89 16.66
CA GLU A 216 8.12 -2.61 17.31
C GLU A 216 9.31 -1.89 16.63
N GLN A 217 10.34 -2.61 16.30
CA GLN A 217 11.50 -2.07 15.62
C GLN A 217 11.13 -1.57 14.16
N PHE A 218 10.27 -2.35 13.46
CA PHE A 218 9.82 -2.02 12.08
C PHE A 218 8.87 -0.87 12.03
N LEU A 219 8.06 -0.67 13.08
CA LEU A 219 7.01 0.36 13.11
C LEU A 219 7.30 1.71 12.53
N PRO A 220 8.41 2.39 12.96
CA PRO A 220 8.57 3.72 12.42
C PRO A 220 8.91 3.74 10.89
N TYR A 221 9.48 2.68 10.42
CA TYR A 221 9.89 2.55 9.01
C TYR A 221 8.67 2.18 8.15
N ALA A 222 7.91 1.19 8.60
CA ALA A 222 6.62 0.89 7.89
C ALA A 222 5.75 2.10 7.82
N SER A 223 5.58 2.83 8.93
CA SER A 223 4.77 4.01 8.97
C SER A 223 5.27 5.11 8.09
N ALA A 224 6.58 5.33 8.07
CA ALA A 224 7.13 6.39 7.25
C ALA A 224 6.92 6.05 5.77
N MET A 225 7.06 4.78 5.43
CA MET A 225 6.85 4.42 3.99
C MET A 225 5.42 4.66 3.58
N MET A 226 4.47 4.17 4.39
CA MET A 226 3.05 4.38 4.08
C MET A 226 2.72 5.80 3.97
N SER A 227 3.22 6.63 4.90
CA SER A 227 2.90 8.04 4.87
C SER A 227 3.49 8.75 3.67
N SER A 228 4.55 8.21 3.07
CA SER A 228 5.21 8.79 1.93
C SER A 228 4.46 8.54 0.64
N LEU A 229 3.60 7.55 0.64
CA LEU A 229 2.96 7.20 -0.63
C LEU A 229 2.05 8.28 -1.24
N PRO A 230 1.32 9.07 -0.47
CA PRO A 230 0.52 10.15 -1.09
C PRO A 230 1.32 11.11 -1.93
N LYS A 231 2.60 11.33 -1.56
CA LYS A 231 3.48 12.26 -2.34
C LYS A 231 3.78 11.65 -3.68
N PHE A 232 3.94 10.34 -3.78
CA PHE A 232 4.06 9.67 -5.10
C PHE A 232 2.78 9.75 -5.90
N VAL A 233 1.64 9.50 -5.24
CA VAL A 233 0.35 9.56 -5.93
C VAL A 233 0.12 10.97 -6.48
N GLU A 234 0.46 11.96 -5.67
CA GLU A 234 0.29 13.35 -6.11
C GLU A 234 1.15 13.68 -7.30
N PHE A 235 2.41 13.23 -7.25
CA PHE A 235 3.34 13.45 -8.37
C PHE A 235 2.82 12.83 -9.69
N TYR A 236 2.36 11.58 -9.61
CA TYR A 236 2.02 10.88 -10.83
C TYR A 236 0.61 11.14 -11.33
N THR A 237 -0.29 11.59 -10.47
CA THR A 237 -1.69 11.86 -10.88
C THR A 237 -1.90 12.64 -12.19
N PRO A 238 -1.27 13.84 -12.35
CA PRO A 238 -1.48 14.59 -13.60
C PRO A 238 -0.94 13.89 -14.80
N ARG A 239 0.12 13.10 -14.66
CA ARG A 239 0.71 12.38 -15.78
C ARG A 239 -0.20 11.25 -16.20
N LEU A 240 -0.69 10.54 -15.20
CA LEU A 240 -1.60 9.44 -15.47
C LEU A 240 -2.85 10.04 -16.21
N ASP A 241 -3.40 11.16 -15.77
CA ASP A 241 -4.57 11.74 -16.45
C ASP A 241 -4.30 12.17 -17.89
N GLU A 242 -3.04 12.47 -18.21
CA GLU A 242 -2.62 12.72 -19.63
C GLU A 242 -2.32 11.48 -20.42
N GLY A 243 -2.26 10.32 -19.78
CA GLY A 243 -1.86 9.14 -20.45
C GLY A 243 -0.36 9.12 -20.72
N GLU A 244 0.41 9.84 -19.92
CA GLU A 244 1.84 10.04 -20.14
C GLU A 244 2.66 9.18 -19.17
N HIS A 245 3.61 8.41 -19.66
CA HIS A 245 4.47 7.58 -18.80
C HIS A 245 5.94 7.77 -19.19
N PRO A 246 6.38 9.04 -19.32
CA PRO A 246 7.82 9.23 -19.68
C PRO A 246 8.74 8.70 -18.60
N GLY A 247 9.91 8.25 -19.01
CA GLY A 247 10.88 7.72 -18.12
C GLY A 247 11.82 8.76 -17.56
N ASP A 248 11.34 9.98 -17.32
CA ASP A 248 12.26 11.06 -16.84
C ASP A 248 12.66 10.99 -15.40
N VAL A 249 11.83 10.44 -14.51
CA VAL A 249 12.24 10.26 -13.13
C VAL A 249 12.38 8.83 -12.71
N ASP A 250 11.91 7.87 -13.52
CA ASP A 250 12.04 6.48 -13.19
C ASP A 250 11.78 5.66 -14.49
N ARG A 251 12.43 4.53 -14.60
CA ARG A 251 12.25 3.58 -15.69
C ARG A 251 11.80 2.23 -15.18
N LEU A 252 10.90 1.62 -15.96
CA LEU A 252 10.38 0.34 -15.60
C LEU A 252 11.45 -0.74 -15.42
N ALA A 253 12.47 -0.75 -16.32
CA ALA A 253 13.50 -1.72 -16.21
C ALA A 253 14.15 -1.70 -14.84
N MET A 254 14.36 -0.52 -14.30
CA MET A 254 14.99 -0.37 -13.01
C MET A 254 14.03 -0.76 -11.87
N GLY A 255 12.75 -0.51 -12.04
CA GLY A 255 11.73 -0.98 -11.12
C GLY A 255 11.72 -2.49 -11.05
N LEU A 256 11.77 -3.16 -12.23
CA LEU A 256 11.85 -4.56 -12.27
C LEU A 256 13.03 -5.09 -11.48
N ALA A 257 14.21 -4.47 -11.70
CA ALA A 257 15.37 -4.95 -10.99
C ALA A 257 15.22 -4.82 -9.44
N SER A 258 14.61 -3.73 -9.02
CA SER A 258 14.29 -3.52 -7.62
C SER A 258 13.32 -4.61 -7.07
N VAL A 259 12.25 -4.93 -7.81
CA VAL A 259 11.34 -5.97 -7.41
C VAL A 259 12.04 -7.31 -7.30
N GLU A 260 12.95 -7.59 -8.22
CA GLU A 260 13.70 -8.82 -8.18
C GLU A 260 14.49 -8.98 -6.85
N HIS A 261 15.06 -7.89 -6.34
CA HIS A 261 15.76 -7.96 -5.07
C HIS A 261 14.78 -8.29 -3.95
N VAL A 262 13.56 -7.75 -4.04
CA VAL A 262 12.56 -8.07 -3.03
C VAL A 262 12.20 -9.56 -3.05
N VAL A 263 12.01 -10.11 -4.25
CA VAL A 263 11.69 -11.51 -4.39
C VAL A 263 12.84 -12.39 -3.81
N HIS A 264 14.07 -12.04 -4.15
CA HIS A 264 15.21 -12.85 -3.64
C HIS A 264 15.33 -12.72 -2.15
N THR A 265 15.08 -11.54 -1.59
CA THR A 265 15.14 -11.37 -0.18
C THR A 265 14.10 -12.26 0.55
N THR A 266 12.91 -12.29 -0.07
CA THR A 266 11.79 -13.10 0.45
C THR A 266 12.23 -14.62 0.47
N GLN A 267 12.77 -15.12 -0.64
CA GLN A 267 13.22 -16.51 -0.83
C GLN A 267 14.27 -16.84 0.14
N GLU A 268 15.25 -15.96 0.33
CA GLU A 268 16.35 -16.22 1.27
C GLU A 268 15.85 -16.36 2.71
N ALA A 269 14.79 -15.65 3.03
CA ALA A 269 14.27 -15.59 4.37
C ALA A 269 13.26 -16.75 4.60
N GLY A 270 12.99 -17.53 3.57
CA GLY A 270 12.04 -18.66 3.65
C GLY A 270 10.59 -18.20 3.74
N ILE A 271 10.30 -16.99 3.25
CA ILE A 271 8.94 -16.42 3.38
C ILE A 271 8.16 -16.77 2.11
N ASP A 272 6.83 -16.97 2.25
CA ASP A 272 5.97 -17.25 1.05
C ASP A 272 6.16 -16.22 -0.09
N ILE A 273 6.35 -16.68 -1.29
CA ILE A 273 6.72 -15.74 -2.35
C ILE A 273 5.48 -15.31 -3.17
N ALA A 274 4.31 -15.88 -2.96
CA ALA A 274 3.16 -15.52 -3.81
C ALA A 274 2.93 -14.01 -4.06
N LEU A 275 2.92 -13.19 -3.02
CA LEU A 275 2.59 -11.80 -3.18
C LEU A 275 3.69 -11.03 -4.01
N PRO A 276 4.95 -11.13 -3.59
CA PRO A 276 5.92 -10.44 -4.46
C PRO A 276 6.13 -11.07 -5.81
N ALA A 277 5.93 -12.39 -5.93
CA ALA A 277 6.00 -12.99 -7.23
C ALA A 277 4.89 -12.45 -8.17
N THR A 278 3.73 -12.09 -7.65
CA THR A 278 2.68 -11.52 -8.51
C THR A 278 3.10 -10.11 -8.96
N VAL A 279 3.69 -9.33 -8.03
CA VAL A 279 4.20 -8.00 -8.35
C VAL A 279 5.27 -8.11 -9.45
N LEU A 280 6.18 -9.06 -9.28
CA LEU A 280 7.23 -9.27 -10.29
C LEU A 280 6.62 -9.59 -11.65
N GLU A 281 5.62 -10.45 -11.62
CA GLU A 281 4.94 -10.84 -12.90
C GLU A 281 4.26 -9.70 -13.59
N VAL A 282 3.64 -8.76 -12.84
CA VAL A 282 3.12 -7.58 -13.44
C VAL A 282 4.22 -6.75 -14.15
N PHE A 283 5.33 -6.52 -13.44
CA PHE A 283 6.46 -5.78 -14.03
C PHE A 283 6.94 -6.47 -15.30
N ARG A 284 7.11 -7.77 -15.25
CA ARG A 284 7.58 -8.55 -16.45
C ARG A 284 6.64 -8.42 -17.61
N ARG A 285 5.33 -8.47 -17.34
CA ARG A 285 4.38 -8.28 -18.43
C ARG A 285 4.50 -6.93 -19.07
N GLY A 286 4.74 -5.88 -18.28
CA GLY A 286 4.96 -4.57 -18.78
C GLY A 286 6.22 -4.50 -19.61
N MET A 287 7.27 -5.15 -19.17
CA MET A 287 8.56 -5.16 -19.94
C MET A 287 8.32 -5.89 -21.30
N LYS A 288 7.58 -6.98 -21.25
CA LYS A 288 7.29 -7.82 -22.42
C LYS A 288 6.32 -7.20 -23.40
N THR A 289 5.70 -6.08 -23.06
CA THR A 289 4.91 -5.28 -23.98
C THR A 289 5.57 -3.98 -24.42
N GLY A 290 6.87 -3.85 -24.19
CA GLY A 290 7.61 -2.79 -24.73
C GLY A 290 7.74 -1.53 -23.92
N HIS A 291 7.75 -1.62 -22.60
CA HIS A 291 7.76 -0.44 -21.73
C HIS A 291 9.08 -0.22 -20.93
N ALA A 292 10.16 -0.88 -21.31
CA ALA A 292 11.46 -0.78 -20.60
C ALA A 292 11.87 0.62 -20.22
N SER A 293 11.66 1.58 -21.10
CA SER A 293 12.09 2.98 -20.92
C SER A 293 11.05 3.92 -20.36
N ASP A 294 9.81 3.41 -20.17
CA ASP A 294 8.76 4.24 -19.62
C ASP A 294 8.77 4.23 -18.08
N SER A 295 7.97 5.10 -17.48
CA SER A 295 7.73 5.08 -16.05
C SER A 295 7.02 3.76 -15.68
N PHE A 296 7.23 3.30 -14.44
CA PHE A 296 6.44 2.19 -13.92
C PHE A 296 4.93 2.41 -13.96
N THR A 297 4.49 3.64 -14.08
CA THR A 297 3.04 3.97 -14.20
C THR A 297 2.45 3.32 -15.47
N SER A 298 3.32 3.00 -16.44
CA SER A 298 2.89 2.33 -17.65
C SER A 298 2.26 0.96 -17.38
N LEU A 299 2.52 0.39 -16.19
CA LEU A 299 1.85 -0.85 -15.76
C LEU A 299 0.33 -0.73 -15.65
N ILE A 300 -0.18 0.47 -15.65
CA ILE A 300 -1.62 0.65 -15.75
C ILE A 300 -2.17 0.05 -17.01
N GLU A 301 -1.37 0.04 -18.08
CA GLU A 301 -1.78 -0.66 -19.31
C GLU A 301 -1.96 -2.19 -19.23
N ILE A 302 -1.15 -2.84 -18.41
CA ILE A 302 -1.28 -4.24 -18.08
C ILE A 302 -2.58 -4.47 -17.34
N PHE A 303 -2.89 -3.61 -16.37
CA PHE A 303 -4.12 -3.80 -15.55
C PHE A 303 -5.35 -3.55 -16.46
N LYS A 304 -5.25 -2.53 -17.32
CA LYS A 304 -6.39 -2.11 -18.20
C LYS A 304 -6.74 -3.23 -19.15
N ASN A 305 -5.76 -4.02 -19.56
CA ASN A 305 -5.97 -5.47 -19.71
C ASN A 305 -5.01 -6.17 -20.65
N ALA B 17 45.22 16.04 16.25
CA ALA B 17 44.06 16.66 15.55
C ALA B 17 42.92 15.64 15.38
N VAL B 18 41.71 16.06 15.65
CA VAL B 18 40.56 15.17 15.49
C VAL B 18 39.90 15.43 14.12
N GLY B 19 39.27 14.41 13.57
CA GLY B 19 38.46 14.54 12.38
C GLY B 19 38.94 13.57 11.31
N ASN B 20 38.02 13.25 10.40
CA ASN B 20 38.36 12.32 9.30
C ASN B 20 39.34 13.00 8.33
N ARG B 21 40.10 12.16 7.68
CA ARG B 21 40.89 12.57 6.55
C ARG B 21 39.93 13.13 5.52
N LYS B 22 40.31 14.20 4.86
CA LYS B 22 39.47 14.78 3.80
C LYS B 22 39.79 14.18 2.43
N SER B 23 39.82 12.86 2.38
CA SER B 23 40.26 12.15 1.21
C SER B 23 39.48 10.86 1.07
N VAL B 24 38.90 10.62 -0.11
CA VAL B 24 38.00 9.48 -0.26
C VAL B 24 38.06 8.95 -1.69
N THR B 25 37.82 7.68 -1.86
CA THR B 25 37.70 7.06 -3.17
C THR B 25 36.25 6.69 -3.42
N VAL B 26 35.75 6.96 -4.62
CA VAL B 26 34.42 6.47 -5.07
C VAL B 26 34.63 5.59 -6.27
N ILE B 27 34.13 4.36 -6.20
CA ILE B 27 34.17 3.39 -7.27
C ILE B 27 32.74 3.14 -7.72
N GLY B 28 32.45 3.44 -8.97
CA GLY B 28 31.10 3.28 -9.49
C GLY B 28 30.53 4.67 -9.71
N LEU B 29 30.43 5.08 -10.96
CA LEU B 29 29.92 6.36 -11.34
C LEU B 29 28.71 6.22 -12.27
N GLY B 30 27.71 5.44 -11.84
CA GLY B 30 26.32 5.69 -12.21
C GLY B 30 25.82 6.98 -11.64
N PRO B 31 24.54 7.27 -11.79
CA PRO B 31 24.01 8.55 -11.32
C PRO B 31 24.20 8.78 -9.83
N MET B 32 24.09 7.71 -9.06
CA MET B 32 24.29 7.78 -7.56
C MET B 32 25.81 8.07 -7.22
N GLY B 33 26.73 7.31 -7.80
CA GLY B 33 28.13 7.55 -7.56
C GLY B 33 28.54 8.95 -8.01
N GLN B 34 28.04 9.37 -9.18
CA GLN B 34 28.32 10.70 -9.65
C GLN B 34 27.84 11.78 -8.69
N ALA B 35 26.62 11.64 -8.18
CA ALA B 35 26.10 12.56 -7.17
C ALA B 35 26.94 12.59 -5.88
N MET B 36 27.34 11.43 -5.43
CA MET B 36 28.12 11.30 -4.17
C MET B 36 29.50 11.99 -4.38
N ALA B 37 30.15 11.69 -5.50
CA ALA B 37 31.44 12.32 -5.79
C ALA B 37 31.33 13.82 -5.87
N ASP B 38 30.26 14.35 -6.48
CA ASP B 38 30.04 15.74 -6.61
C ASP B 38 29.89 16.43 -5.23
N VAL B 39 29.07 15.81 -4.38
CA VAL B 39 28.86 16.34 -3.05
C VAL B 39 30.17 16.36 -2.24
N PHE B 40 30.94 15.29 -2.32
CA PHE B 40 32.24 15.23 -1.65
C PHE B 40 33.17 16.36 -2.13
N LEU B 41 33.20 16.60 -3.45
CA LEU B 41 34.07 17.62 -4.04
C LEU B 41 33.65 18.97 -3.55
N GLU B 42 32.34 19.23 -3.58
CA GLU B 42 31.85 20.56 -3.15
C GLU B 42 32.12 20.79 -1.68
N TYR B 43 32.14 19.74 -0.90
CA TYR B 43 32.40 19.83 0.52
C TYR B 43 33.86 20.08 0.86
N GLY B 44 34.75 19.77 -0.09
CA GLY B 44 36.20 20.01 0.13
C GLY B 44 37.04 18.79 0.22
N TYR B 45 36.51 17.59 -0.08
CA TYR B 45 37.32 16.40 -0.10
C TYR B 45 38.23 16.34 -1.34
N SER B 46 39.38 15.69 -1.18
CA SER B 46 40.12 15.14 -2.34
C SER B 46 39.35 13.86 -2.77
N VAL B 47 38.81 13.80 -3.98
CA VAL B 47 38.00 12.64 -4.39
C VAL B 47 38.68 11.94 -5.58
N THR B 48 39.01 10.68 -5.38
CA THR B 48 39.62 9.83 -6.39
C THR B 48 38.46 8.95 -6.92
N VAL B 49 38.32 8.85 -8.21
CA VAL B 49 37.21 8.04 -8.81
C VAL B 49 37.74 7.03 -9.81
N TRP B 50 37.01 5.91 -9.93
CA TRP B 50 37.28 4.92 -10.99
C TRP B 50 35.87 4.46 -11.44
N ASN B 51 35.77 4.18 -12.73
CA ASN B 51 34.59 3.62 -13.32
C ASN B 51 34.99 2.76 -14.49
N ARG B 52 34.27 1.69 -14.72
CA ARG B 52 34.47 0.87 -15.92
C ARG B 52 34.41 1.73 -17.17
N THR B 53 33.41 2.58 -17.25
CA THR B 53 33.22 3.44 -18.36
C THR B 53 33.86 4.80 -17.95
N SER B 54 35.13 4.97 -18.33
CA SER B 54 35.89 6.09 -17.71
C SER B 54 35.38 7.42 -18.10
N SER B 55 34.77 7.56 -19.26
CA SER B 55 34.25 8.87 -19.68
C SER B 55 33.15 9.45 -18.82
N LYS B 56 32.50 8.62 -18.03
CA LYS B 56 31.48 9.12 -17.13
C LYS B 56 31.98 10.02 -16.00
N ALA B 57 33.28 10.00 -15.78
CA ALA B 57 33.92 10.94 -14.81
C ALA B 57 34.26 12.31 -15.45
N ASP B 58 33.97 12.56 -16.72
CA ASP B 58 34.47 13.84 -17.36
C ASP B 58 34.05 15.11 -16.63
N GLN B 59 32.76 15.23 -16.34
CA GLN B 59 32.29 16.38 -15.64
C GLN B 59 32.92 16.52 -14.25
N LEU B 60 33.05 15.39 -13.54
CA LEU B 60 33.65 15.42 -12.20
C LEU B 60 35.13 15.87 -12.29
N VAL B 61 35.83 15.40 -13.30
CA VAL B 61 37.27 15.71 -13.49
C VAL B 61 37.33 17.23 -13.71
N ALA B 62 36.42 17.79 -14.48
CA ALA B 62 36.41 19.23 -14.71
C ALA B 62 36.22 20.01 -13.40
N LYS B 63 35.56 19.43 -12.43
CA LYS B 63 35.40 20.10 -11.15
C LYS B 63 36.46 19.71 -10.16
N GLY B 64 37.45 18.93 -10.55
CA GLY B 64 38.54 18.60 -9.64
C GLY B 64 38.70 17.19 -9.17
N ALA B 65 37.79 16.27 -9.58
CA ALA B 65 38.00 14.88 -9.18
C ALA B 65 39.23 14.29 -9.88
N ILE B 66 39.83 13.34 -9.24
CA ILE B 66 41.02 12.68 -9.77
C ILE B 66 40.57 11.35 -10.30
N ARG B 67 40.62 11.21 -11.60
CA ARG B 67 40.34 9.91 -12.22
C ARG B 67 41.58 9.06 -12.31
N VAL B 68 41.50 7.83 -11.86
CA VAL B 68 42.55 6.93 -11.97
C VAL B 68 42.21 5.90 -13.08
N SER B 69 43.19 5.20 -13.58
CA SER B 69 42.91 4.30 -14.73
C SER B 69 42.48 2.85 -14.28
N THR B 70 42.97 2.34 -13.16
CA THR B 70 42.66 1.04 -12.70
C THR B 70 42.02 0.98 -11.30
N VAL B 71 41.31 -0.12 -11.04
CA VAL B 71 40.76 -0.34 -9.71
C VAL B 71 41.84 -0.43 -8.65
N ASN B 72 42.97 -1.02 -8.99
CA ASN B 72 44.10 -1.06 -8.07
C ASN B 72 44.52 0.31 -7.60
N GLU B 73 44.67 1.21 -8.53
CA GLU B 73 45.01 2.62 -8.19
C GLU B 73 43.94 3.28 -7.34
N ALA B 74 42.69 2.97 -7.59
CA ALA B 74 41.61 3.57 -6.78
C ALA B 74 41.68 3.09 -5.35
N LEU B 75 41.95 1.80 -5.13
CA LEU B 75 42.11 1.27 -3.79
C LEU B 75 43.38 1.85 -3.11
N ALA B 76 44.45 2.03 -3.87
CA ALA B 76 45.70 2.57 -3.27
C ALA B 76 45.57 4.01 -2.82
N ALA B 77 44.69 4.79 -3.45
CA ALA B 77 44.57 6.24 -3.16
C ALA B 77 44.14 6.59 -1.73
N ASN B 78 43.33 5.73 -1.12
CA ASN B 78 42.65 6.02 0.14
C ASN B 78 42.36 4.80 1.02
N GLU B 79 42.23 5.04 2.33
CA GLU B 79 41.69 4.03 3.25
C GLU B 79 40.18 3.81 2.99
N LEU B 80 39.43 4.91 2.92
CA LEU B 80 37.94 4.84 2.81
C LEU B 80 37.56 4.78 1.32
N VAL B 81 36.82 3.73 0.95
CA VAL B 81 36.39 3.48 -0.41
C VAL B 81 34.88 3.33 -0.43
N ILE B 82 34.17 4.18 -1.17
CA ILE B 82 32.71 4.09 -1.30
C ILE B 82 32.37 3.41 -2.64
N LEU B 83 31.55 2.37 -2.56
CA LEU B 83 31.14 1.62 -3.76
C LEU B 83 29.70 1.95 -4.07
N SER B 84 29.41 2.31 -5.30
CA SER B 84 28.02 2.49 -5.73
C SER B 84 27.86 1.75 -7.06
N LEU B 85 27.71 0.47 -6.93
CA LEU B 85 27.65 -0.43 -8.10
C LEU B 85 26.27 -1.08 -8.22
N THR B 86 26.04 -1.76 -9.33
CA THR B 86 24.69 -2.28 -9.51
C THR B 86 24.21 -3.23 -8.36
N ASP B 87 25.08 -4.18 -8.01
CA ASP B 87 24.83 -5.17 -7.00
C ASP B 87 26.14 -5.79 -6.59
N TYR B 88 26.09 -6.77 -5.69
CA TYR B 88 27.26 -7.35 -5.10
C TYR B 88 28.04 -8.22 -6.06
N ASN B 89 27.38 -8.84 -7.03
CA ASN B 89 28.16 -9.59 -8.03
C ASN B 89 29.18 -8.72 -8.77
N VAL B 90 28.81 -7.48 -9.03
CA VAL B 90 29.69 -6.53 -9.68
C VAL B 90 30.91 -6.32 -8.77
N MET B 91 30.66 -6.16 -7.49
CA MET B 91 31.76 -5.97 -6.56
C MET B 91 32.77 -7.10 -6.68
N TYR B 92 32.33 -8.38 -6.67
CA TYR B 92 33.26 -9.47 -6.83
C TYR B 92 33.98 -9.41 -8.13
N SER B 93 33.24 -9.05 -9.18
CA SER B 93 33.79 -9.05 -10.51
C SER B 93 35.00 -8.13 -10.57
N ILE B 94 34.87 -6.95 -9.97
CA ILE B 94 36.01 -5.98 -9.97
C ILE B 94 37.05 -6.15 -8.89
N LEU B 95 36.71 -6.67 -7.71
CA LEU B 95 37.62 -6.79 -6.59
C LEU B 95 38.37 -8.10 -6.50
N GLU B 96 37.77 -9.16 -7.02
CA GLU B 96 38.42 -10.45 -6.90
C GLU B 96 39.84 -10.43 -7.53
N PRO B 97 40.01 -9.89 -8.73
CA PRO B 97 41.34 -9.83 -9.34
C PRO B 97 42.35 -8.97 -8.59
N VAL B 98 41.89 -8.12 -7.67
CA VAL B 98 42.79 -7.33 -6.84
C VAL B 98 42.64 -7.64 -5.36
N SER B 99 42.32 -8.91 -5.05
CA SER B 99 42.09 -9.36 -3.66
C SER B 99 43.24 -9.03 -2.70
N GLU B 100 44.49 -9.08 -3.23
CA GLU B 100 45.70 -8.78 -2.47
C GLU B 100 45.81 -7.35 -1.90
N ASN B 101 45.09 -6.43 -2.50
CA ASN B 101 45.28 -5.04 -2.22
C ASN B 101 44.15 -4.44 -1.39
N LEU B 102 43.35 -5.32 -0.77
CA LEU B 102 42.21 -4.88 0.05
C LEU B 102 42.63 -4.70 1.47
N PHE B 103 43.83 -5.20 1.83
CA PHE B 103 44.23 -5.18 3.19
C PHE B 103 44.25 -3.75 3.75
N GLY B 104 43.65 -3.57 4.90
CA GLY B 104 43.55 -2.30 5.56
C GLY B 104 42.52 -1.29 5.07
N LYS B 105 41.71 -1.66 4.09
CA LYS B 105 40.79 -0.70 3.52
C LYS B 105 39.44 -0.82 4.19
N VAL B 106 38.68 0.27 4.18
CA VAL B 106 37.30 0.28 4.70
C VAL B 106 36.40 0.48 3.49
N LEU B 107 35.58 -0.54 3.14
CA LEU B 107 34.72 -0.46 1.97
C LEU B 107 33.27 -0.23 2.45
N VAL B 108 32.68 0.86 2.00
CA VAL B 108 31.30 1.21 2.34
C VAL B 108 30.49 0.92 1.07
N ASN B 109 29.69 -0.14 1.13
CA ASN B 109 28.98 -0.59 -0.02
C ASN B 109 27.57 -0.12 -0.03
N LEU B 110 27.28 0.78 -0.95
CA LEU B 110 25.97 1.45 -1.07
C LEU B 110 25.09 0.86 -2.21
N SER B 111 25.43 -0.33 -2.59
CA SER B 111 24.76 -1.08 -3.66
C SER B 111 23.49 -1.77 -3.09
N SER B 112 22.40 -1.79 -3.88
CA SER B 112 21.17 -2.52 -3.50
C SER B 112 21.35 -3.99 -3.76
N ASP B 113 21.10 -4.81 -2.74
CA ASP B 113 21.12 -6.26 -2.87
C ASP B 113 20.42 -6.86 -1.61
N THR B 114 20.49 -8.15 -1.46
CA THR B 114 19.78 -8.86 -0.41
C THR B 114 20.62 -8.88 0.87
N PRO B 115 20.00 -9.11 2.00
CA PRO B 115 20.73 -9.27 3.24
C PRO B 115 21.76 -10.31 3.21
N GLU B 116 21.46 -11.48 2.66
CA GLU B 116 22.47 -12.52 2.69
C GLU B 116 23.64 -12.19 1.79
N LYS B 117 23.41 -11.48 0.69
CA LYS B 117 24.52 -11.08 -0.18
C LYS B 117 25.44 -10.14 0.61
N ALA B 118 24.85 -9.25 1.39
CA ALA B 118 25.66 -8.33 2.13
C ALA B 118 26.47 -9.05 3.22
N ARG B 119 25.84 -10.02 3.88
CA ARG B 119 26.54 -10.85 4.83
C ARG B 119 27.69 -11.62 4.24
N LYS B 120 27.47 -12.22 3.11
CA LYS B 120 28.54 -13.04 2.50
C LYS B 120 29.72 -12.13 2.05
N ALA B 121 29.40 -10.94 1.54
CA ALA B 121 30.43 -9.98 1.11
C ALA B 121 31.28 -9.48 2.27
N ALA B 122 30.66 -9.19 3.41
CA ALA B 122 31.32 -8.71 4.59
C ALA B 122 32.35 -9.72 5.07
N LYS B 123 31.98 -11.01 5.05
CA LYS B 123 32.94 -12.10 5.41
C LYS B 123 34.08 -12.26 4.39
N TRP B 124 33.76 -12.22 3.11
CA TRP B 124 34.73 -12.33 2.06
C TRP B 124 35.77 -11.20 2.20
N LEU B 125 35.27 -10.01 2.44
CA LEU B 125 36.15 -8.85 2.63
C LEU B 125 37.01 -8.96 3.87
N GLU B 126 36.43 -9.39 4.98
CA GLU B 126 37.22 -9.62 6.20
C GLU B 126 38.31 -10.66 6.04
N ASP B 127 38.05 -11.71 5.27
CA ASP B 127 39.06 -12.67 4.95
C ASP B 127 40.25 -12.08 4.19
N ARG B 128 40.07 -10.93 3.57
CA ARG B 128 41.10 -10.30 2.75
C ARG B 128 41.69 -9.11 3.48
N GLY B 129 41.29 -8.97 4.72
CA GLY B 129 41.79 -7.95 5.62
C GLY B 129 41.18 -6.60 5.48
N ALA B 130 40.00 -6.53 4.87
CA ALA B 130 39.30 -5.25 4.75
C ALA B 130 38.19 -5.21 5.76
N ARG B 131 37.59 -4.05 5.95
CA ARG B 131 36.41 -3.90 6.82
C ARG B 131 35.26 -3.45 5.89
N HIS B 132 33.99 -3.71 6.27
CA HIS B 132 32.81 -3.55 5.39
C HIS B 132 31.71 -2.89 6.14
N ILE B 133 31.11 -1.86 5.54
CA ILE B 133 29.93 -1.20 6.09
C ILE B 133 28.91 -1.33 4.98
N THR B 134 27.73 -1.82 5.34
CA THR B 134 26.59 -1.86 4.44
C THR B 134 25.75 -0.61 4.54
N GLY B 135 25.44 -0.01 3.39
CA GLY B 135 24.55 1.09 3.33
C GLY B 135 23.38 0.96 2.35
N GLY B 136 22.19 1.34 2.84
CA GLY B 136 20.96 1.26 2.03
C GLY B 136 20.43 2.66 1.87
N VAL B 137 20.71 3.26 0.71
CA VAL B 137 20.45 4.65 0.52
C VAL B 137 18.96 4.83 0.21
N GLN B 138 18.30 5.76 0.89
CA GLN B 138 16.81 5.83 0.79
C GLN B 138 16.26 6.87 -0.22
N VAL B 139 17.15 7.47 -1.00
CA VAL B 139 16.84 8.62 -1.82
C VAL B 139 17.50 8.50 -3.20
N PRO B 140 16.94 9.20 -4.20
CA PRO B 140 17.56 9.23 -5.50
C PRO B 140 18.77 10.16 -5.50
N PRO B 141 19.49 10.25 -6.63
CA PRO B 141 20.68 11.16 -6.71
C PRO B 141 20.44 12.55 -6.24
N SER B 142 19.27 13.14 -6.52
CA SER B 142 18.99 14.46 -6.06
C SER B 142 18.90 14.65 -4.56
N GLY B 143 18.69 13.58 -3.82
CA GLY B 143 18.69 13.68 -2.38
C GLY B 143 20.05 13.63 -1.72
N ILE B 144 21.08 13.31 -2.48
CA ILE B 144 22.44 13.23 -1.91
C ILE B 144 22.91 14.63 -1.60
N GLY B 145 23.47 14.79 -0.42
CA GLY B 145 23.89 16.06 0.10
C GLY B 145 22.84 16.81 0.92
N LYS B 146 21.69 16.20 1.16
CA LYS B 146 20.62 16.87 1.90
C LYS B 146 20.47 16.18 3.22
N SER B 147 20.44 16.92 4.31
CA SER B 147 20.36 16.25 5.62
C SER B 147 19.00 15.57 5.94
N GLU B 148 17.95 15.88 5.19
CA GLU B 148 16.63 15.27 5.38
C GLU B 148 16.65 13.91 4.78
N SER B 149 17.63 13.61 3.92
CA SER B 149 17.82 12.28 3.39
C SER B 149 18.48 11.36 4.44
N TYR B 150 18.14 10.06 4.41
CA TYR B 150 18.69 9.01 5.25
C TYR B 150 19.22 7.85 4.50
N THR B 151 20.26 7.22 5.05
CA THR B 151 20.78 5.93 4.63
C THR B 151 20.85 5.00 5.82
N TYR B 152 20.38 3.77 5.64
CA TYR B 152 20.52 2.73 6.64
C TYR B 152 21.96 2.25 6.59
N TYR B 153 22.57 2.07 7.75
CA TYR B 153 23.90 1.50 7.85
C TYR B 153 23.95 0.35 8.81
N SER B 154 24.78 -0.61 8.50
CA SER B 154 25.02 -1.71 9.41
C SER B 154 26.37 -2.31 9.20
N GLY B 155 26.84 -3.04 10.23
CA GLY B 155 28.17 -3.53 10.23
C GLY B 155 28.87 -3.13 11.55
N ASP B 156 30.17 -3.40 11.64
CA ASP B 156 30.89 -3.21 12.91
C ASP B 156 30.77 -1.79 13.38
N ARG B 157 30.26 -1.62 14.59
CA ARG B 157 29.98 -0.31 15.10
C ARG B 157 31.23 0.61 15.20
N VAL B 158 32.39 0.02 15.54
CA VAL B 158 33.60 0.87 15.68
C VAL B 158 34.06 1.39 14.31
N VAL B 159 33.96 0.54 13.28
CA VAL B 159 34.30 0.97 11.93
C VAL B 159 33.34 2.08 11.46
N PHE B 160 32.05 1.91 11.73
CA PHE B 160 31.08 2.89 11.33
C PHE B 160 31.33 4.19 12.02
N GLU B 161 31.55 4.16 13.35
CA GLU B 161 31.83 5.41 14.09
C GLU B 161 33.06 6.15 13.60
N ALA B 162 34.05 5.42 13.17
CA ALA B 162 35.30 5.99 12.69
C ALA B 162 35.13 6.74 11.38
N HIS B 163 34.07 6.42 10.59
CA HIS B 163 33.86 7.04 9.29
C HIS B 163 32.53 7.77 9.14
N ARG B 164 31.76 7.85 10.20
CA ARG B 164 30.44 8.45 10.22
C ARG B 164 30.45 9.85 9.72
N GLU B 165 31.47 10.62 10.10
CA GLU B 165 31.52 12.02 9.73
C GLU B 165 31.54 12.13 8.17
N THR B 166 32.35 11.31 7.52
CA THR B 166 32.41 11.34 6.08
C THR B 166 31.04 10.89 5.48
N LEU B 167 30.48 9.85 6.06
CA LEU B 167 29.23 9.30 5.49
C LEU B 167 28.10 10.29 5.62
N GLU B 168 28.15 11.09 6.69
CA GLU B 168 27.16 12.13 6.88
C GLU B 168 27.28 13.33 5.99
N VAL B 169 28.35 13.45 5.18
CA VAL B 169 28.37 14.44 4.14
C VAL B 169 27.29 14.08 3.07
N LEU B 170 27.04 12.78 2.85
CA LEU B 170 26.14 12.36 1.81
C LEU B 170 24.67 12.41 2.21
N THR B 171 24.38 11.96 3.40
CA THR B 171 23.02 11.92 3.95
C THR B 171 23.14 11.88 5.46
N SER B 172 22.00 12.08 6.15
CA SER B 172 21.93 11.55 7.52
C SER B 172 22.03 10.06 7.60
N SER B 173 22.49 9.56 8.73
CA SER B 173 22.68 8.17 8.88
C SER B 173 21.69 7.53 9.85
N ASP B 174 21.41 6.28 9.64
CA ASP B 174 20.60 5.50 10.57
C ASP B 174 21.22 4.17 10.80
N TYR B 175 22.09 4.07 11.81
CA TYR B 175 22.83 2.85 12.09
C TYR B 175 21.86 1.83 12.71
N ARG B 176 21.74 0.66 12.13
CA ARG B 176 20.74 -0.35 12.50
C ARG B 176 21.28 -1.52 13.32
N GLY B 177 22.59 -1.69 13.41
CA GLY B 177 23.21 -2.75 14.20
C GLY B 177 24.42 -3.40 13.55
N GLU B 178 24.96 -4.42 14.24
CA GLU B 178 26.20 -5.05 13.85
C GLU B 178 26.09 -5.96 12.63
N ASP B 179 24.97 -6.65 12.46
CA ASP B 179 24.81 -7.59 11.37
C ASP B 179 24.87 -6.80 10.03
N PRO B 180 25.80 -7.15 9.17
CA PRO B 180 25.98 -6.41 7.88
C PRO B 180 24.72 -6.53 6.98
N GLY B 181 23.91 -7.57 7.20
CA GLY B 181 22.67 -7.71 6.41
C GLY B 181 21.61 -6.69 6.74
N LEU B 182 21.65 -6.08 7.94
CA LEU B 182 20.49 -5.29 8.38
C LEU B 182 20.19 -4.10 7.51
N ALA B 183 21.24 -3.38 7.01
CA ALA B 183 20.96 -2.22 6.22
C ALA B 183 20.17 -2.63 4.94
N MET B 184 20.47 -3.77 4.39
CA MET B 184 19.73 -4.29 3.21
C MET B 184 18.37 -4.88 3.65
N LEU B 185 18.31 -5.47 4.81
CA LEU B 185 16.96 -5.87 5.39
C LEU B 185 15.96 -4.73 5.48
N TYR B 186 16.30 -3.64 6.14
CA TYR B 186 15.41 -2.52 6.26
C TYR B 186 15.06 -1.87 4.92
N TYR B 187 16.09 -1.76 4.04
CA TYR B 187 15.84 -1.27 2.73
C TYR B 187 14.85 -2.16 1.95
N GLN B 188 15.08 -3.45 1.89
CA GLN B 188 14.26 -4.32 1.05
C GLN B 188 12.80 -4.45 1.58
N ILE B 189 12.63 -4.51 2.91
CA ILE B 189 11.26 -4.61 3.45
C ILE B 189 10.43 -3.37 3.22
N GLN B 190 11.07 -2.17 3.20
CA GLN B 190 10.39 -0.96 2.82
C GLN B 190 10.02 -0.99 1.34
N MET B 191 10.88 -1.56 0.52
CA MET B 191 10.56 -1.59 -0.94
C MET B 191 9.48 -2.65 -1.22
N ASP B 192 9.39 -3.69 -0.43
CA ASP B 192 8.25 -4.69 -0.50
C ASP B 192 6.95 -3.95 -0.34
N ILE B 193 6.86 -3.08 0.64
CA ILE B 193 5.65 -2.28 0.83
C ILE B 193 5.47 -1.29 -0.32
N PHE B 194 6.54 -0.51 -0.63
CA PHE B 194 6.41 0.50 -1.72
C PHE B 194 5.85 -0.04 -3.02
N TRP B 195 6.47 -1.08 -3.53
CA TRP B 195 6.08 -1.55 -4.86
C TRP B 195 4.69 -2.21 -4.80
N THR B 196 4.44 -2.94 -3.75
CA THR B 196 3.16 -3.67 -3.67
C THR B 196 2.04 -2.67 -3.52
N ALA B 197 2.17 -1.72 -2.60
CA ALA B 197 1.15 -0.70 -2.40
C ALA B 197 0.99 0.22 -3.57
N MET B 198 2.09 0.61 -4.28
CA MET B 198 1.92 1.44 -5.45
C MET B 198 1.26 0.69 -6.60
N LEU B 199 1.55 -0.58 -6.74
CA LEU B 199 0.85 -1.30 -7.79
C LEU B 199 -0.67 -1.42 -7.43
N SER B 200 -1.00 -1.57 -6.16
CA SER B 200 -2.42 -1.58 -5.73
C SER B 200 -3.13 -0.31 -6.07
N TYR B 201 -2.42 0.83 -5.97
CA TYR B 201 -2.92 2.08 -6.38
C TYR B 201 -3.18 2.08 -7.87
N LEU B 202 -2.23 1.62 -8.67
CA LEU B 202 -2.44 1.61 -10.15
C LEU B 202 -3.62 0.69 -10.51
N HIS B 203 -3.71 -0.45 -9.84
CA HIS B 203 -4.80 -1.43 -10.07
C HIS B 203 -6.17 -0.80 -9.76
N ALA B 204 -6.29 -0.17 -8.59
CA ALA B 204 -7.47 0.55 -8.19
C ALA B 204 -7.80 1.66 -9.15
N LEU B 205 -6.78 2.40 -9.62
CA LEU B 205 -7.05 3.44 -10.59
C LEU B 205 -7.53 2.91 -11.93
N ALA B 206 -7.01 1.77 -12.37
CA ALA B 206 -7.54 1.17 -13.58
C ALA B 206 -9.04 0.86 -13.46
N ILE B 207 -9.44 0.33 -12.32
CA ILE B 207 -10.89 0.10 -12.10
C ILE B 207 -11.63 1.43 -12.16
N ALA B 208 -11.13 2.46 -11.46
CA ALA B 208 -11.73 3.74 -11.49
C ALA B 208 -11.90 4.31 -12.91
N ASN B 209 -10.83 4.28 -13.69
CA ASN B 209 -10.84 4.70 -15.07
C ASN B 209 -11.85 3.92 -15.93
N ALA B 210 -11.97 2.61 -15.74
CA ALA B 210 -12.95 1.84 -16.45
C ALA B 210 -14.38 2.31 -16.15
N ASN B 211 -14.60 2.78 -14.96
CA ASN B 211 -15.87 3.27 -14.50
C ASN B 211 -16.10 4.75 -14.73
N GLY B 212 -15.19 5.44 -15.44
CA GLY B 212 -15.38 6.82 -15.84
C GLY B 212 -14.86 7.88 -14.94
N ILE B 213 -13.95 7.49 -14.04
CA ILE B 213 -13.43 8.47 -13.15
C ILE B 213 -11.89 8.56 -13.35
N THR B 214 -11.34 9.72 -13.04
CA THR B 214 -9.94 10.02 -13.38
C THR B 214 -9.04 9.92 -12.12
N ALA B 215 -7.73 10.01 -12.34
CA ALA B 215 -6.82 10.00 -11.21
C ALA B 215 -7.02 11.24 -10.36
N GLU B 216 -7.34 12.38 -10.98
CA GLU B 216 -7.59 13.60 -10.20
C GLU B 216 -8.75 13.41 -9.24
N GLN B 217 -9.80 12.76 -9.71
CA GLN B 217 -10.98 12.52 -8.84
C GLN B 217 -10.69 11.51 -7.71
N PHE B 218 -9.84 10.50 -8.03
CA PHE B 218 -9.44 9.50 -7.07
C PHE B 218 -8.46 10.01 -6.02
N LEU B 219 -7.66 11.00 -6.40
CA LEU B 219 -6.50 11.44 -5.55
C LEU B 219 -6.76 11.64 -4.07
N PRO B 220 -7.77 12.43 -3.68
CA PRO B 220 -7.96 12.60 -2.27
C PRO B 220 -8.34 11.31 -1.50
N TYR B 221 -8.95 10.34 -2.18
CA TYR B 221 -9.40 9.10 -1.57
C TYR B 221 -8.27 8.10 -1.49
N ALA B 222 -7.50 7.96 -2.57
CA ALA B 222 -6.28 7.17 -2.51
C ALA B 222 -5.34 7.69 -1.42
N SER B 223 -5.14 9.01 -1.36
CA SER B 223 -4.23 9.60 -0.39
C SER B 223 -4.73 9.39 1.02
N ALA B 224 -6.01 9.62 1.29
CA ALA B 224 -6.59 9.40 2.64
C ALA B 224 -6.43 7.99 3.06
N MET B 225 -6.66 7.04 2.15
CA MET B 225 -6.50 5.66 2.54
C MET B 225 -5.06 5.35 2.95
N MET B 226 -4.13 5.76 2.11
CA MET B 226 -2.71 5.48 2.36
C MET B 226 -2.29 6.11 3.68
N SER B 227 -2.71 7.32 3.91
CA SER B 227 -2.33 8.04 5.13
C SER B 227 -2.94 7.48 6.37
N SER B 228 -4.05 6.72 6.26
CA SER B 228 -4.65 6.02 7.38
C SER B 228 -3.92 4.71 7.76
N LEU B 229 -3.09 4.13 6.89
CA LEU B 229 -2.52 2.87 7.17
C LEU B 229 -1.59 2.82 8.40
N PRO B 230 -0.81 3.87 8.64
CA PRO B 230 0.03 3.79 9.89
C PRO B 230 -0.74 3.59 11.17
N LYS B 231 -1.97 4.10 11.27
CA LYS B 231 -2.80 3.92 12.45
C LYS B 231 -3.13 2.46 12.65
N PHE B 232 -3.37 1.69 11.57
CA PHE B 232 -3.56 0.27 11.68
C PHE B 232 -2.32 -0.43 12.06
N VAL B 233 -1.20 -0.06 11.44
CA VAL B 233 0.08 -0.67 11.83
C VAL B 233 0.35 -0.46 13.35
N GLU B 234 0.13 0.75 13.81
CA GLU B 234 0.39 1.05 15.24
C GLU B 234 -0.50 0.21 16.13
N PHE B 235 -1.77 0.11 15.76
CA PHE B 235 -2.74 -0.71 16.54
C PHE B 235 -2.36 -2.16 16.62
N TYR B 236 -1.95 -2.74 15.52
CA TYR B 236 -1.58 -4.14 15.51
C TYR B 236 -0.20 -4.50 15.97
N THR B 237 0.74 -3.58 15.91
CA THR B 237 2.14 -3.90 16.23
C THR B 237 2.35 -4.70 17.57
N PRO B 238 1.73 -4.23 18.68
CA PRO B 238 1.98 -4.93 19.96
C PRO B 238 1.42 -6.35 19.97
N ARG B 239 0.32 -6.56 19.25
CA ARG B 239 -0.30 -7.88 19.11
C ARG B 239 0.56 -8.78 18.30
N LEU B 240 1.05 -8.25 17.17
CA LEU B 240 1.93 -9.05 16.37
C LEU B 240 3.19 -9.51 17.14
N ASP B 241 3.79 -8.63 17.93
CA ASP B 241 4.99 -9.02 18.73
C ASP B 241 4.71 -10.06 19.82
N GLU B 242 3.48 -10.16 20.21
CA GLU B 242 3.03 -11.26 21.11
C GLU B 242 2.59 -12.50 20.36
N GLY B 243 2.50 -12.45 19.06
CA GLY B 243 2.05 -13.62 18.32
C GLY B 243 0.55 -13.84 18.52
N GLU B 244 -0.17 -12.78 18.80
CA GLU B 244 -1.59 -12.85 19.10
C GLU B 244 -2.45 -12.30 17.98
N HIS B 245 -3.49 -13.04 17.60
CA HIS B 245 -4.38 -12.61 16.53
C HIS B 245 -5.84 -12.81 16.93
N PRO B 246 -6.23 -12.29 18.11
CA PRO B 246 -7.62 -12.47 18.45
C PRO B 246 -8.57 -11.71 17.51
N GLY B 247 -9.74 -12.27 17.29
CA GLY B 247 -10.73 -11.65 16.53
C GLY B 247 -11.60 -10.70 17.28
N ASP B 248 -11.03 -9.94 18.21
CA ASP B 248 -11.87 -8.99 18.96
C ASP B 248 -12.28 -7.76 18.22
N VAL B 249 -11.48 -7.26 17.26
CA VAL B 249 -11.88 -6.05 16.55
C VAL B 249 -12.10 -6.33 15.06
N ASP B 250 -11.67 -7.47 14.57
CA ASP B 250 -11.90 -7.83 13.14
C ASP B 250 -11.79 -9.31 13.06
N ARG B 251 -12.46 -9.92 12.08
CA ARG B 251 -12.33 -11.33 11.81
C ARG B 251 -12.02 -11.61 10.34
N LEU B 252 -11.21 -12.61 10.13
CA LEU B 252 -10.70 -13.00 8.82
C LEU B 252 -11.83 -13.28 7.88
N ALA B 253 -12.87 -13.97 8.36
CA ALA B 253 -13.99 -14.27 7.47
C ALA B 253 -14.62 -13.01 6.86
N MET B 254 -14.73 -11.96 7.63
CA MET B 254 -15.29 -10.73 7.12
CA MET B 254 -15.27 -10.70 7.13
C MET B 254 -14.32 -10.02 6.15
N GLY B 255 -13.03 -10.12 6.43
CA GLY B 255 -12.01 -9.66 5.49
C GLY B 255 -12.08 -10.39 4.17
N LEU B 256 -12.17 -11.72 4.19
CA LEU B 256 -12.32 -12.46 3.00
C LEU B 256 -13.52 -11.97 2.16
N ALA B 257 -14.64 -11.74 2.82
CA ALA B 257 -15.81 -11.26 2.08
C ALA B 257 -15.57 -9.90 1.36
N SER B 258 -14.88 -9.01 2.08
CA SER B 258 -14.45 -7.73 1.57
C SER B 258 -13.52 -7.89 0.35
N VAL B 259 -12.52 -8.79 0.44
CA VAL B 259 -11.66 -9.12 -0.73
C VAL B 259 -12.40 -9.65 -1.87
N GLU B 260 -13.38 -10.54 -1.64
CA GLU B 260 -14.19 -11.03 -2.71
C GLU B 260 -14.95 -9.95 -3.49
N HIS B 261 -15.44 -8.93 -2.80
CA HIS B 261 -16.17 -7.82 -3.47
C HIS B 261 -15.17 -7.01 -4.34
N VAL B 262 -13.92 -6.91 -3.86
CA VAL B 262 -12.87 -6.27 -4.64
C VAL B 262 -12.59 -7.05 -5.91
N VAL B 263 -12.41 -8.37 -5.83
CA VAL B 263 -12.21 -9.21 -6.98
C VAL B 263 -13.38 -9.08 -7.96
N HIS B 264 -14.61 -9.13 -7.47
CA HIS B 264 -15.78 -9.07 -8.40
C HIS B 264 -15.84 -7.68 -9.06
N THR B 265 -15.51 -6.61 -8.35
CA THR B 265 -15.49 -5.28 -8.91
C THR B 265 -14.48 -5.20 -10.03
N THR B 266 -13.31 -5.78 -9.77
CA THR B 266 -12.25 -5.88 -10.78
C THR B 266 -12.71 -6.57 -12.07
N GLN B 267 -13.32 -7.73 -11.87
CA GLN B 267 -13.79 -8.49 -13.02
C GLN B 267 -14.84 -7.78 -13.80
N GLU B 268 -15.77 -7.17 -13.13
CA GLU B 268 -16.84 -6.38 -13.80
C GLU B 268 -16.28 -5.22 -14.65
N ALA B 269 -15.15 -4.68 -14.22
CA ALA B 269 -14.56 -3.57 -14.91
C ALA B 269 -13.64 -4.04 -16.00
N GLY B 270 -13.48 -5.33 -16.17
CA GLY B 270 -12.59 -5.91 -17.13
C GLY B 270 -11.12 -5.75 -16.85
N ILE B 271 -10.78 -5.56 -15.58
CA ILE B 271 -9.40 -5.25 -15.16
C ILE B 271 -8.69 -6.53 -14.76
N ASP B 272 -7.40 -6.60 -15.03
CA ASP B 272 -6.58 -7.77 -14.74
C ASP B 272 -6.73 -8.22 -13.28
N ILE B 273 -7.00 -9.48 -13.06
CA ILE B 273 -7.33 -9.92 -11.67
C ILE B 273 -6.09 -10.41 -10.91
N ALA B 274 -4.94 -10.58 -11.55
CA ALA B 274 -3.79 -11.26 -10.88
C ALA B 274 -3.47 -10.75 -9.48
N LEU B 275 -3.45 -9.43 -9.31
CA LEU B 275 -3.07 -8.89 -8.00
C LEU B 275 -4.16 -9.16 -6.87
N PRO B 276 -5.38 -8.73 -7.08
CA PRO B 276 -6.38 -9.08 -6.06
C PRO B 276 -6.62 -10.57 -5.92
N ALA B 277 -6.46 -11.36 -6.97
CA ALA B 277 -6.63 -12.79 -6.87
C ALA B 277 -5.55 -13.40 -5.99
N THR B 278 -4.36 -12.81 -5.99
CA THR B 278 -3.33 -13.33 -5.06
C THR B 278 -3.60 -12.96 -3.61
N VAL B 279 -4.15 -11.77 -3.41
CA VAL B 279 -4.62 -11.35 -2.12
C VAL B 279 -5.72 -12.33 -1.62
N LEU B 280 -6.66 -12.63 -2.49
CA LEU B 280 -7.76 -13.53 -2.12
C LEU B 280 -7.21 -14.91 -1.74
N GLU B 281 -6.26 -15.44 -2.52
CA GLU B 281 -5.65 -16.74 -2.25
C GLU B 281 -5.00 -16.79 -0.90
N VAL B 282 -4.31 -15.71 -0.48
CA VAL B 282 -3.74 -15.64 0.85
C VAL B 282 -4.86 -15.72 1.94
N PHE B 283 -5.92 -14.95 1.76
CA PHE B 283 -7.04 -15.01 2.71
C PHE B 283 -7.60 -16.43 2.80
N ARG B 284 -7.83 -17.06 1.62
CA ARG B 284 -8.38 -18.42 1.60
C ARG B 284 -7.47 -19.42 2.30
N ARG B 285 -6.16 -19.28 2.11
CA ARG B 285 -5.23 -20.14 2.85
C ARG B 285 -5.36 -19.96 4.35
N GLY B 286 -5.56 -18.78 4.82
CA GLY B 286 -5.73 -18.53 6.20
C GLY B 286 -7.06 -19.14 6.74
N MET B 287 -8.09 -19.08 5.92
CA MET B 287 -9.40 -19.71 6.28
C MET B 287 -9.20 -21.22 6.34
N LYS B 288 -8.49 -21.77 5.37
CA LYS B 288 -8.24 -23.19 5.31
C LYS B 288 -7.51 -23.69 6.54
N THR B 289 -6.62 -22.88 7.12
CA THR B 289 -5.78 -23.37 8.21
C THR B 289 -6.41 -23.00 9.52
N GLY B 290 -7.68 -22.59 9.53
CA GLY B 290 -8.41 -22.39 10.75
C GLY B 290 -8.65 -21.07 11.33
N HIS B 291 -8.38 -19.99 10.59
CA HIS B 291 -8.34 -18.70 11.22
C HIS B 291 -9.55 -17.81 10.95
N ALA B 292 -10.68 -18.40 10.52
CA ALA B 292 -11.92 -17.61 10.26
C ALA B 292 -12.30 -16.63 11.31
N SER B 293 -12.12 -17.02 12.60
CA SER B 293 -12.50 -16.17 13.70
C SER B 293 -11.40 -15.35 14.32
N ASP B 294 -10.17 -15.49 13.81
CA ASP B 294 -9.03 -14.65 14.22
C ASP B 294 -8.92 -13.33 13.42
N SER B 295 -8.09 -12.42 13.89
CA SER B 295 -7.82 -11.23 13.15
C SER B 295 -7.20 -11.61 11.79
N PHE B 296 -7.37 -10.73 10.81
CA PHE B 296 -6.66 -10.89 9.54
C PHE B 296 -5.15 -10.87 9.68
N THR B 297 -4.62 -10.36 10.80
CA THR B 297 -3.15 -10.46 11.08
C THR B 297 -2.63 -11.84 11.16
N SER B 298 -3.53 -12.81 11.36
CA SER B 298 -3.18 -14.19 11.33
C SER B 298 -2.61 -14.64 10.00
N LEU B 299 -2.85 -13.87 8.95
CA LEU B 299 -2.29 -14.18 7.65
C LEU B 299 -0.74 -14.14 7.68
N ILE B 300 -0.15 -13.50 8.70
CA ILE B 300 1.31 -13.53 8.80
C ILE B 300 1.79 -14.90 8.97
N GLU B 301 0.96 -15.78 9.56
CA GLU B 301 1.34 -17.18 9.64
C GLU B 301 1.42 -17.89 8.33
N ILE B 302 0.59 -17.49 7.34
CA ILE B 302 0.66 -18.01 6.00
C ILE B 302 1.96 -17.56 5.36
N PHE B 303 2.30 -16.32 5.58
CA PHE B 303 3.61 -15.81 4.97
C PHE B 303 4.79 -16.52 5.57
N LYS B 304 4.70 -16.84 6.87
CA LYS B 304 5.73 -17.65 7.51
C LYS B 304 5.86 -19.10 7.14
N ASN B 305 4.88 -19.67 6.46
CA ASN B 305 4.83 -21.12 6.11
C ASN B 305 4.72 -21.99 7.35
#